data_5TCV
#
_entry.id   5TCV
#
_cell.length_a   71.361
_cell.length_b   107.140
_cell.length_c   108.019
_cell.angle_alpha   90.00
_cell.angle_beta   90.00
_cell.angle_gamma   90.00
#
_symmetry.space_group_name_H-M   'I 2 2 2'
#
loop_
_entity.id
_entity.type
_entity.pdbx_description
1 polymer '1-aminocyclopropane-1-carboxylate oxidase 1'
2 non-polymer 'NICKEL (II) ION'
3 non-polymer '1-AMINOCYCLOPROPANECARBOXYLIC ACID'
4 water water
#
_entity_poly.entity_id   1
_entity_poly.type   'polypeptide(L)'
_entity_poly.pdbx_seq_one_letter_code
;MENFPIISLDKVNGVERAATMEMIKDACENWGFFELVNHGIPREVMDTVEKMTKGHYKKCMEQRFKELVASKALEGVQAE
VTDMDWESTFFLKHLPISNISEVPDLDEEYREVMRDFAKRLEKLAEELLDLLCENLGLEKGYLKNAFYGSKGPNFGTKVS
NYPPCPKPDLIKGLRAHTDAGGIILLFQDDKVSGLQLLKDGQWIDVPPMRHSIVVNLGDQLEVITNGKYKSVMHRVIAQK
DGARMSLASFYNPGSDAVIYPAPALVEKEAEENKQVYPKFVFDDYMKLYAGLKFQAKEPRFEAMKAMETDVKMDPIATV
;
_entity_poly.pdbx_strand_id   A
#
# COMPACT_ATOMS: atom_id res chain seq x y z
N ASN A 3 -22.14 -6.62 -1.01
CA ASN A 3 -21.02 -7.53 -0.63
C ASN A 3 -19.70 -7.14 -1.29
N PHE A 4 -18.60 -7.43 -0.60
CA PHE A 4 -17.25 -6.93 -0.95
C PHE A 4 -16.86 -7.18 -2.41
N PRO A 5 -16.29 -6.16 -3.10
CA PRO A 5 -15.95 -6.32 -4.52
C PRO A 5 -14.70 -7.17 -4.77
N ILE A 6 -14.92 -8.34 -5.36
CA ILE A 6 -13.87 -9.25 -5.81
C ILE A 6 -13.91 -9.23 -7.33
N ILE A 7 -12.81 -8.83 -7.95
CA ILE A 7 -12.78 -8.50 -9.39
C ILE A 7 -11.75 -9.35 -10.12
N SER A 8 -12.22 -10.15 -11.08
CA SER A 8 -11.34 -10.92 -11.96
C SER A 8 -10.89 -9.99 -13.08
N LEU A 9 -9.61 -9.57 -13.04
CA LEU A 9 -9.13 -8.52 -13.96
C LEU A 9 -9.05 -8.97 -15.41
N ASP A 10 -8.77 -10.26 -15.65
CA ASP A 10 -8.76 -10.83 -17.02
C ASP A 10 -10.09 -10.64 -17.78
N LYS A 11 -11.21 -10.62 -17.05
CA LYS A 11 -12.54 -10.42 -17.65
C LYS A 11 -12.75 -9.07 -18.35
N VAL A 12 -11.85 -8.11 -18.09
CA VAL A 12 -11.86 -6.83 -18.80
C VAL A 12 -11.43 -6.96 -20.28
N ASN A 13 -10.73 -8.05 -20.62
CA ASN A 13 -10.39 -8.39 -22.02
C ASN A 13 -11.54 -9.01 -22.84
N GLY A 14 -12.49 -9.64 -22.16
CA GLY A 14 -13.55 -10.42 -22.83
C GLY A 14 -14.89 -9.72 -22.90
N VAL A 15 -15.93 -10.52 -23.08
CA VAL A 15 -17.31 -10.01 -23.23
C VAL A 15 -17.93 -9.48 -21.93
N GLU A 16 -17.41 -9.91 -20.78
CA GLU A 16 -17.93 -9.48 -19.48
C GLU A 16 -17.23 -8.21 -18.96
N ARG A 17 -16.83 -7.32 -19.88
CA ARG A 17 -16.05 -6.14 -19.54
C ARG A 17 -16.92 -5.10 -18.84
N ALA A 18 -18.09 -4.84 -19.41
CA ALA A 18 -19.03 -3.84 -18.89
C ALA A 18 -19.36 -4.07 -17.42
N ALA A 19 -19.66 -5.31 -17.08
CA ALA A 19 -19.96 -5.70 -15.69
C ALA A 19 -18.74 -5.59 -14.78
N THR A 20 -17.56 -5.96 -15.29
CA THR A 20 -16.31 -5.88 -14.53
C THR A 20 -15.90 -4.42 -14.27
N MET A 21 -16.03 -3.57 -15.28
CA MET A 21 -15.79 -2.13 -15.12
C MET A 21 -16.80 -1.48 -14.17
N GLU A 22 -18.03 -2.00 -14.16
CA GLU A 22 -19.07 -1.55 -13.24
C GLU A 22 -18.70 -1.85 -11.78
N MET A 23 -18.21 -3.08 -11.54
CA MET A 23 -17.71 -3.47 -10.21
C MET A 23 -16.58 -2.56 -9.73
N ILE A 24 -15.66 -2.22 -10.63
CA ILE A 24 -14.55 -1.30 -10.32
C ILE A 24 -15.08 0.09 -9.99
N LYS A 25 -16.04 0.57 -10.76
CA LYS A 25 -16.70 1.86 -10.50
C LYS A 25 -17.38 1.85 -9.14
N ASP A 26 -18.13 0.78 -8.86
CA ASP A 26 -18.81 0.60 -7.57
C ASP A 26 -17.81 0.53 -6.42
N ALA A 27 -16.74 -0.25 -6.62
CA ALA A 27 -15.69 -0.38 -5.63
C ALA A 27 -15.02 0.97 -5.34
N CYS A 28 -14.64 1.68 -6.40
CA CYS A 28 -14.00 2.99 -6.27
C CYS A 28 -14.86 4.06 -5.59
N GLU A 29 -16.18 3.99 -5.80
CA GLU A 29 -17.10 5.01 -5.29
C GLU A 29 -17.60 4.70 -3.88
N ASN A 30 -17.98 3.44 -3.63
CA ASN A 30 -18.64 3.05 -2.37
C ASN A 30 -17.82 2.21 -1.39
N TRP A 31 -16.70 1.64 -1.83
CA TRP A 31 -15.83 0.84 -0.97
C TRP A 31 -14.41 1.39 -0.77
N GLY A 32 -13.86 2.06 -1.78
CA GLY A 32 -12.47 2.53 -1.76
C GLY A 32 -11.42 1.42 -1.81
N PHE A 33 -11.87 0.20 -2.08
CA PHE A 33 -11.05 -1.00 -1.94
C PHE A 33 -11.60 -2.05 -2.89
N PHE A 34 -10.72 -2.86 -3.46
CA PHE A 34 -11.15 -4.08 -4.14
C PHE A 34 -10.03 -5.10 -4.18
N GLU A 35 -10.43 -6.36 -4.33
CA GLU A 35 -9.52 -7.48 -4.32
C GLU A 35 -9.46 -8.04 -5.73
N LEU A 36 -8.25 -8.11 -6.29
CA LEU A 36 -8.04 -8.57 -7.66
C LEU A 36 -7.59 -10.01 -7.71
N VAL A 37 -8.12 -10.75 -8.68
CA VAL A 37 -7.65 -12.09 -9.03
C VAL A 37 -7.50 -12.15 -10.54
N ASN A 38 -6.67 -13.08 -11.03
CA ASN A 38 -6.37 -13.18 -12.46
C ASN A 38 -5.92 -11.82 -12.97
N HIS A 39 -4.81 -11.36 -12.39
CA HIS A 39 -4.33 -9.97 -12.53
C HIS A 39 -3.10 -9.85 -13.42
N GLY A 40 -2.71 -10.95 -14.08
CA GLY A 40 -1.57 -10.95 -15.00
C GLY A 40 -0.20 -11.04 -14.34
N ILE A 41 -0.15 -11.62 -13.15
CA ILE A 41 1.10 -11.90 -12.45
C ILE A 41 1.03 -13.39 -12.07
N PRO A 42 1.88 -14.24 -12.71
CA PRO A 42 1.72 -15.68 -12.49
C PRO A 42 1.85 -16.12 -11.04
N ARG A 43 1.15 -17.20 -10.68
CA ARG A 43 1.26 -17.80 -9.34
C ARG A 43 2.70 -18.22 -9.02
N GLU A 44 3.39 -18.76 -10.02
CA GLU A 44 4.82 -19.09 -9.94
C GLU A 44 5.69 -17.90 -9.51
N VAL A 45 5.39 -16.71 -10.04
CA VAL A 45 6.16 -15.50 -9.71
C VAL A 45 5.86 -15.03 -8.28
N MET A 46 4.58 -15.06 -7.89
CA MET A 46 4.15 -14.72 -6.54
C MET A 46 4.69 -15.70 -5.50
N ASP A 47 4.55 -17.00 -5.78
CA ASP A 47 5.06 -18.06 -4.88
C ASP A 47 6.57 -18.00 -4.70
N THR A 48 7.30 -17.56 -5.73
CA THR A 48 8.74 -17.31 -5.63
C THR A 48 9.01 -16.18 -4.64
N VAL A 49 8.31 -15.06 -4.83
CA VAL A 49 8.43 -13.88 -3.95
C VAL A 49 8.19 -14.25 -2.48
N GLU A 50 7.16 -15.07 -2.24
CA GLU A 50 6.83 -15.53 -0.89
C GLU A 50 7.95 -16.36 -0.26
N LYS A 51 8.31 -17.48 -0.91
CA LYS A 51 9.32 -18.41 -0.38
C LYS A 51 10.68 -17.74 -0.14
N MET A 52 11.07 -16.87 -1.06
CA MET A 52 12.33 -16.15 -0.96
C MET A 52 12.36 -15.11 0.17
N THR A 53 11.27 -14.36 0.31
CA THR A 53 11.15 -13.35 1.36
C THR A 53 11.12 -13.99 2.76
N LYS A 54 10.38 -15.08 2.88
CA LYS A 54 10.34 -15.87 4.12
C LYS A 54 11.71 -16.47 4.46
N GLY A 55 12.48 -16.83 3.44
CA GLY A 55 13.86 -17.28 3.61
C GLY A 55 14.77 -16.21 4.18
N HIS A 56 14.69 -15.00 3.61
CA HIS A 56 15.42 -13.83 4.13
C HIS A 56 15.03 -13.50 5.57
N TYR A 57 13.74 -13.62 5.87
CA TYR A 57 13.23 -13.36 7.22
C TYR A 57 13.79 -14.35 8.24
N LYS A 58 13.79 -15.64 7.88
CA LYS A 58 14.36 -16.70 8.74
C LYS A 58 15.83 -16.47 9.07
N LYS A 59 16.59 -15.99 8.09
CA LYS A 59 17.99 -15.62 8.29
C LYS A 59 18.10 -14.49 9.32
N CYS A 60 17.30 -13.44 9.14
CA CYS A 60 17.32 -12.28 10.05
C CYS A 60 16.96 -12.63 11.50
N MET A 61 16.00 -13.54 11.70
CA MET A 61 15.57 -13.93 13.04
C MET A 61 16.61 -14.81 13.77
N GLU A 62 17.24 -15.72 13.04
CA GLU A 62 18.35 -16.52 13.61
C GLU A 62 19.55 -15.63 13.97
N GLN A 63 19.83 -14.65 13.12
CA GLN A 63 20.86 -13.63 13.39
C GLN A 63 20.47 -12.74 14.59
N ARG A 64 19.23 -12.29 14.61
CA ARG A 64 18.72 -11.42 15.69
C ARG A 64 18.76 -12.10 17.06
N PHE A 65 18.46 -13.41 17.10
CA PHE A 65 18.50 -14.19 18.34
C PHE A 65 19.92 -14.38 18.86
N LYS A 66 20.86 -14.65 17.96
CA LYS A 66 22.30 -14.72 18.33
C LYS A 66 22.79 -13.43 18.98
N GLU A 67 22.37 -12.30 18.43
CA GLU A 67 22.71 -10.98 18.98
C GLU A 67 22.02 -10.71 20.31
N LEU A 68 20.75 -11.14 20.44
CA LEU A 68 19.98 -10.96 21.67
C LEU A 68 20.58 -11.76 22.82
N VAL A 69 20.93 -13.02 22.54
CA VAL A 69 21.58 -13.89 23.52
C VAL A 69 22.88 -13.26 24.03
N ALA A 70 23.66 -12.70 23.10
CA ALA A 70 24.91 -12.00 23.44
C ALA A 70 24.65 -10.69 24.21
N SER A 71 23.67 -9.91 23.78
CA SER A 71 23.29 -8.66 24.46
C SER A 71 22.82 -8.92 25.88
N LYS A 72 21.90 -9.87 26.02
CA LYS A 72 21.33 -10.23 27.32
C LYS A 72 22.35 -10.89 28.25
N ALA A 73 23.21 -11.76 27.69
CA ALA A 73 24.29 -12.40 28.47
C ALA A 73 25.26 -11.39 29.05
N LEU A 74 25.46 -10.27 28.34
CA LEU A 74 26.27 -9.14 28.81
C LEU A 74 25.79 -8.60 30.17
N GLU A 75 24.46 -8.59 30.37
CA GLU A 75 23.83 -8.14 31.62
C GLU A 75 23.63 -9.28 32.64
N GLY A 76 24.23 -10.45 32.41
CA GLY A 76 24.03 -11.63 33.26
C GLY A 76 22.63 -12.20 33.21
N VAL A 77 22.03 -12.20 32.02
CA VAL A 77 20.65 -12.65 31.82
C VAL A 77 20.57 -13.58 30.59
N GLN A 78 19.77 -14.63 30.71
CA GLN A 78 19.54 -15.54 29.60
C GLN A 78 18.45 -14.98 28.71
N ALA A 79 18.75 -14.84 27.42
CA ALA A 79 17.74 -14.49 26.43
C ALA A 79 16.89 -15.71 26.14
N GLU A 80 15.58 -15.59 26.38
CA GLU A 80 14.62 -16.62 26.01
C GLU A 80 14.18 -16.36 24.57
N VAL A 81 13.57 -17.37 23.96
CA VAL A 81 12.98 -17.23 22.63
C VAL A 81 11.76 -16.31 22.71
N THR A 82 11.09 -16.32 23.85
CA THR A 82 9.98 -15.42 24.15
C THR A 82 10.36 -13.92 24.23
N ASP A 83 11.65 -13.61 24.36
CA ASP A 83 12.15 -12.22 24.28
C ASP A 83 12.36 -11.73 22.85
N MET A 84 12.07 -12.56 21.84
CA MET A 84 12.28 -12.18 20.44
C MET A 84 11.34 -11.07 19.97
N ASP A 85 11.92 -10.09 19.29
CA ASP A 85 11.19 -9.18 18.42
C ASP A 85 11.07 -9.87 17.07
N TRP A 86 9.88 -10.41 16.79
CA TRP A 86 9.61 -11.08 15.51
C TRP A 86 9.30 -10.11 14.36
N GLU A 87 8.99 -8.86 14.68
CA GLU A 87 8.69 -7.86 13.64
C GLU A 87 9.94 -7.45 12.88
N SER A 88 9.87 -7.54 11.56
CA SER A 88 10.93 -7.08 10.68
C SER A 88 10.29 -6.40 9.47
N THR A 89 10.78 -5.22 9.12
CA THR A 89 10.26 -4.51 7.95
C THR A 89 11.36 -3.68 7.28
N PHE A 90 11.36 -3.71 5.94
CA PHE A 90 12.26 -2.89 5.13
C PHE A 90 11.58 -2.45 3.83
N PHE A 91 12.04 -1.32 3.28
CA PHE A 91 11.43 -0.69 2.11
CA PHE A 91 11.44 -0.68 2.11
C PHE A 91 12.34 -0.83 0.89
N LEU A 92 11.73 -1.02 -0.28
CA LEU A 92 12.45 -1.10 -1.56
C LEU A 92 11.90 -0.04 -2.51
N LYS A 93 12.67 1.02 -2.74
CA LYS A 93 12.35 2.02 -3.77
C LYS A 93 12.54 1.45 -5.18
N HIS A 94 11.61 1.77 -6.08
CA HIS A 94 11.68 1.36 -7.49
C HIS A 94 11.78 2.55 -8.43
N LEU A 95 10.84 3.49 -8.31
CA LEU A 95 10.80 4.71 -9.13
C LEU A 95 10.75 5.94 -8.23
N PRO A 96 11.30 7.10 -8.66
CA PRO A 96 12.01 7.26 -9.94
C PRO A 96 13.41 6.63 -9.98
N ILE A 97 14.02 6.44 -8.81
CA ILE A 97 15.37 5.85 -8.69
C ILE A 97 15.30 4.56 -7.86
N SER A 98 15.64 3.43 -8.50
CA SER A 98 15.65 2.13 -7.82
C SER A 98 16.78 2.06 -6.80
N ASN A 99 16.57 1.32 -5.72
CA ASN A 99 17.61 1.10 -4.71
C ASN A 99 17.72 -0.35 -4.25
N ILE A 100 17.28 -1.29 -5.09
CA ILE A 100 17.28 -2.72 -4.74
C ILE A 100 18.72 -3.27 -4.67
N SER A 101 19.61 -2.69 -5.49
CA SER A 101 21.05 -3.01 -5.44
C SER A 101 21.76 -2.58 -4.15
N GLU A 102 21.25 -1.55 -3.46
CA GLU A 102 21.90 -0.97 -2.27
C GLU A 102 21.36 -1.41 -0.90
N VAL A 103 20.24 -2.14 -0.86
CA VAL A 103 19.67 -2.58 0.42
C VAL A 103 20.54 -3.69 1.01
N PRO A 104 20.96 -3.56 2.28
CA PRO A 104 21.83 -4.59 2.89
C PRO A 104 21.24 -5.99 2.99
N ASP A 105 22.12 -6.99 2.95
CA ASP A 105 21.82 -8.37 3.37
C ASP A 105 20.78 -9.11 2.52
N LEU A 106 20.79 -8.88 1.22
CA LEU A 106 19.92 -9.60 0.27
C LEU A 106 20.72 -10.45 -0.72
N ASP A 107 20.16 -11.59 -1.11
CA ASP A 107 20.74 -12.42 -2.18
C ASP A 107 20.62 -11.70 -3.50
N GLU A 108 21.52 -12.00 -4.44
CA GLU A 108 21.45 -11.43 -5.79
CA GLU A 108 21.47 -11.44 -5.79
C GLU A 108 20.22 -11.92 -6.53
N GLU A 109 19.89 -13.20 -6.34
CA GLU A 109 18.69 -13.78 -6.95
C GLU A 109 17.39 -13.23 -6.34
N TYR A 110 17.45 -12.80 -5.07
CA TYR A 110 16.33 -12.11 -4.42
C TYR A 110 16.13 -10.71 -4.99
N ARG A 111 17.22 -9.94 -5.04
CA ARG A 111 17.23 -8.58 -5.63
C ARG A 111 16.65 -8.57 -7.04
N GLU A 112 17.01 -9.59 -7.83
CA GLU A 112 16.60 -9.70 -9.23
C GLU A 112 15.10 -9.99 -9.39
N VAL A 113 14.56 -10.84 -8.50
CA VAL A 113 13.13 -11.15 -8.49
C VAL A 113 12.28 -9.94 -8.09
N MET A 114 12.80 -9.10 -7.19
CA MET A 114 12.11 -7.87 -6.79
C MET A 114 12.12 -6.79 -7.86
N ARG A 115 13.17 -6.74 -8.69
CA ARG A 115 13.16 -5.90 -9.89
C ARG A 115 12.09 -6.38 -10.87
N ASP A 116 12.02 -7.70 -11.07
CA ASP A 116 10.98 -8.33 -11.88
C ASP A 116 9.58 -8.10 -11.32
N PHE A 117 9.45 -8.20 -10.00
CA PHE A 117 8.17 -7.99 -9.31
C PHE A 117 7.70 -6.54 -9.42
N ALA A 118 8.64 -5.59 -9.30
CA ALA A 118 8.33 -4.17 -9.35
C ALA A 118 7.87 -3.71 -10.72
N LYS A 119 8.56 -4.13 -11.77
CA LYS A 119 8.17 -3.78 -13.15
C LYS A 119 6.77 -4.32 -13.50
N ARG A 120 6.48 -5.54 -13.05
CA ARG A 120 5.15 -6.13 -13.18
C ARG A 120 4.06 -5.31 -12.49
N LEU A 121 4.34 -4.86 -11.26
CA LEU A 121 3.35 -4.13 -10.46
C LEU A 121 3.06 -2.72 -10.97
N GLU A 122 4.09 -1.98 -11.40
CA GLU A 122 3.88 -0.64 -11.97
C GLU A 122 3.04 -0.69 -13.25
N LYS A 123 3.18 -1.79 -13.99
CA LYS A 123 2.38 -2.05 -15.20
C LYS A 123 0.91 -2.31 -14.83
N LEU A 124 0.71 -3.11 -13.77
CA LEU A 124 -0.62 -3.35 -13.20
C LEU A 124 -1.22 -2.07 -12.62
N ALA A 125 -0.41 -1.34 -11.86
CA ALA A 125 -0.81 -0.06 -11.27
C ALA A 125 -1.27 0.91 -12.34
N GLU A 126 -0.47 1.06 -13.39
CA GLU A 126 -0.78 1.98 -14.50
C GLU A 126 -1.98 1.52 -15.34
N GLU A 127 -2.18 0.20 -15.47
CA GLU A 127 -3.40 -0.33 -16.10
C GLU A 127 -4.63 0.09 -15.32
N LEU A 128 -4.60 -0.13 -14.00
CA LEU A 128 -5.73 0.18 -13.13
C LEU A 128 -6.07 1.66 -13.17
N LEU A 129 -5.05 2.52 -13.19
CA LEU A 129 -5.28 3.97 -13.30
C LEU A 129 -5.97 4.34 -14.60
N ASP A 130 -5.59 3.69 -15.71
CA ASP A 130 -6.29 3.87 -16.99
C ASP A 130 -7.76 3.42 -16.92
N LEU A 131 -8.02 2.28 -16.29
CA LEU A 131 -9.39 1.80 -16.08
C LEU A 131 -10.20 2.80 -15.25
N LEU A 132 -9.57 3.36 -14.22
CA LEU A 132 -10.17 4.45 -13.44
C LEU A 132 -10.43 5.68 -14.30
N CYS A 133 -9.45 6.08 -15.11
CA CYS A 133 -9.59 7.19 -16.06
C CYS A 133 -10.80 7.02 -16.97
N GLU A 134 -11.02 5.78 -17.43
CA GLU A 134 -12.15 5.46 -18.29
C GLU A 134 -13.46 5.63 -17.54
N ASN A 135 -13.57 5.03 -16.36
CA ASN A 135 -14.77 5.18 -15.52
C ASN A 135 -15.10 6.63 -15.14
N LEU A 136 -14.06 7.44 -14.92
CA LEU A 136 -14.23 8.86 -14.58
C LEU A 136 -14.59 9.73 -15.78
N GLY A 137 -14.33 9.23 -17.00
CA GLY A 137 -14.57 9.98 -18.23
C GLY A 137 -13.40 10.90 -18.51
N LEU A 138 -12.19 10.34 -18.42
CA LEU A 138 -10.95 11.10 -18.56
C LEU A 138 -10.05 10.47 -19.61
N GLU A 139 -9.11 11.27 -20.10
CA GLU A 139 -8.14 10.84 -21.10
C GLU A 139 -7.26 9.70 -20.58
N LYS A 140 -6.84 8.82 -21.48
CA LYS A 140 -5.94 7.72 -21.13
C LYS A 140 -4.60 8.28 -20.65
N GLY A 141 -4.11 7.75 -19.53
CA GLY A 141 -2.86 8.20 -18.93
C GLY A 141 -2.90 9.58 -18.28
N TYR A 142 -4.11 10.08 -17.97
CA TYR A 142 -4.27 11.38 -17.32
C TYR A 142 -3.71 11.35 -15.90
N LEU A 143 -4.03 10.29 -15.17
CA LEU A 143 -3.57 10.10 -13.80
C LEU A 143 -2.06 9.82 -13.74
N LYS A 144 -1.56 9.00 -14.67
CA LYS A 144 -0.12 8.76 -14.80
C LYS A 144 0.62 10.07 -15.10
N ASN A 145 0.05 10.86 -16.00
CA ASN A 145 0.56 12.20 -16.31
C ASN A 145 0.59 13.07 -15.06
N ALA A 146 -0.57 13.19 -14.40
CA ALA A 146 -0.71 14.01 -13.18
C ALA A 146 0.23 13.58 -12.04
N PHE A 147 0.49 12.28 -11.95
CA PHE A 147 1.41 11.73 -10.94
C PHE A 147 2.89 12.00 -11.25
N TYR A 148 3.21 12.39 -12.48
CA TYR A 148 4.59 12.37 -12.97
C TYR A 148 5.49 13.44 -12.35
N GLY A 149 5.03 14.70 -12.37
CA GLY A 149 5.84 15.82 -11.90
C GLY A 149 6.95 16.09 -12.90
N SER A 150 8.21 15.94 -12.46
CA SER A 150 9.38 16.09 -13.34
C SER A 150 10.05 14.74 -13.56
N LYS A 151 10.59 14.16 -12.48
CA LYS A 151 11.37 12.92 -12.56
C LYS A 151 10.53 11.65 -12.70
N GLY A 152 9.23 11.72 -12.40
CA GLY A 152 8.33 10.57 -12.46
C GLY A 152 7.70 10.24 -11.12
N PRO A 153 6.75 9.29 -11.10
CA PRO A 153 6.01 8.97 -9.88
C PRO A 153 6.85 8.19 -8.88
N ASN A 154 6.50 8.34 -7.60
CA ASN A 154 7.12 7.56 -6.52
C ASN A 154 6.49 6.18 -6.46
N PHE A 155 7.29 5.15 -6.67
CA PHE A 155 6.83 3.78 -6.55
C PHE A 155 7.83 2.97 -5.74
N GLY A 156 7.35 2.33 -4.68
CA GLY A 156 8.18 1.50 -3.80
C GLY A 156 7.36 0.42 -3.13
N THR A 157 8.01 -0.43 -2.34
CA THR A 157 7.36 -1.56 -1.70
C THR A 157 7.86 -1.77 -0.28
N LYS A 158 6.93 -1.78 0.67
CA LYS A 158 7.22 -2.08 2.06
C LYS A 158 7.09 -3.59 2.23
N VAL A 159 8.20 -4.25 2.58
CA VAL A 159 8.19 -5.69 2.85
C VAL A 159 8.21 -5.86 4.36
N SER A 160 7.23 -6.60 4.89
CA SER A 160 7.08 -6.81 6.34
C SER A 160 6.85 -8.28 6.67
N ASN A 161 7.46 -8.74 7.76
CA ASN A 161 7.16 -10.04 8.37
C ASN A 161 6.91 -9.82 9.86
N TYR A 162 5.95 -10.54 10.42
CA TYR A 162 5.45 -10.21 11.76
C TYR A 162 4.74 -11.39 12.44
N PRO A 163 4.69 -11.38 13.79
CA PRO A 163 3.93 -12.40 14.49
C PRO A 163 2.43 -12.04 14.55
N PRO A 164 1.58 -13.00 14.94
CA PRO A 164 0.19 -12.65 15.28
C PRO A 164 0.09 -11.78 16.53
N CYS A 165 -1.03 -11.08 16.67
CA CYS A 165 -1.30 -10.28 17.87
C CYS A 165 -1.58 -11.22 19.05
N PRO A 166 -1.00 -10.93 20.24
CA PRO A 166 -1.21 -11.79 21.43
C PRO A 166 -2.68 -12.13 21.72
N LYS A 167 -3.55 -11.12 21.74
CA LYS A 167 -5.00 -11.31 21.80
C LYS A 167 -5.75 -10.11 21.22
N PRO A 168 -6.96 -10.33 20.63
CA PRO A 168 -7.80 -9.29 20.03
C PRO A 168 -8.03 -8.02 20.86
N ASP A 169 -8.36 -8.16 22.14
CA ASP A 169 -8.75 -7.02 23.00
C ASP A 169 -7.65 -5.95 23.15
N LEU A 170 -6.39 -6.35 22.94
CA LEU A 170 -5.27 -5.41 22.85
C LEU A 170 -5.33 -4.60 21.56
N ILE A 171 -5.58 -5.30 20.45
CA ILE A 171 -5.70 -4.69 19.13
C ILE A 171 -6.98 -3.85 18.92
N LYS A 172 -7.98 -4.05 19.79
CA LYS A 172 -9.21 -3.23 19.77
C LYS A 172 -8.92 -1.83 20.31
N GLY A 173 -9.63 -0.86 19.76
CA GLY A 173 -9.42 0.56 20.10
C GLY A 173 -8.19 1.19 19.46
N LEU A 174 -7.57 0.51 18.49
CA LEU A 174 -6.39 1.03 17.82
C LEU A 174 -6.81 1.93 16.66
N ARG A 175 -5.99 2.96 16.42
CA ARG A 175 -6.35 4.03 15.51
C ARG A 175 -6.22 3.59 14.06
N ALA A 176 -7.23 3.90 13.25
CA ALA A 176 -7.23 3.62 11.82
C ALA A 176 -6.76 4.84 11.02
N HIS A 177 -6.61 4.65 9.71
CA HIS A 177 -6.13 5.72 8.83
C HIS A 177 -6.71 5.57 7.43
N THR A 178 -6.59 6.65 6.66
CA THR A 178 -6.64 6.59 5.21
C THR A 178 -5.21 6.76 4.72
N ASP A 179 -4.89 6.16 3.59
CA ASP A 179 -3.54 6.27 3.00
C ASP A 179 -3.38 7.62 2.31
N ALA A 180 -2.25 8.29 2.57
CA ALA A 180 -1.99 9.61 2.00
C ALA A 180 -1.61 9.57 0.52
N GLY A 181 -1.15 8.42 0.02
CA GLY A 181 -0.62 8.30 -1.33
C GLY A 181 -1.65 8.22 -2.45
N GLY A 182 -1.25 7.55 -3.54
CA GLY A 182 -2.07 7.47 -4.76
C GLY A 182 -2.90 6.21 -4.81
N ILE A 183 -2.30 5.13 -5.32
CA ILE A 183 -2.94 3.81 -5.35
C ILE A 183 -1.99 2.80 -4.70
N ILE A 184 -2.55 1.92 -3.86
CA ILE A 184 -1.77 1.06 -2.99
C ILE A 184 -2.16 -0.39 -3.25
N LEU A 185 -1.16 -1.23 -3.52
CA LEU A 185 -1.36 -2.61 -3.95
C LEU A 185 -0.72 -3.56 -2.94
N LEU A 186 -1.53 -4.38 -2.28
CA LEU A 186 -1.08 -5.27 -1.21
C LEU A 186 -1.09 -6.72 -1.69
N PHE A 187 0.08 -7.34 -1.67
CA PHE A 187 0.24 -8.77 -1.88
C PHE A 187 0.57 -9.41 -0.54
N GLN A 188 -0.10 -10.52 -0.25
CA GLN A 188 0.13 -11.27 0.99
C GLN A 188 0.18 -12.78 0.73
N ASP A 189 0.82 -13.51 1.65
CA ASP A 189 0.73 -14.97 1.71
C ASP A 189 -0.65 -15.36 2.28
N ASP A 190 -0.90 -16.67 2.40
CA ASP A 190 -2.15 -17.16 2.98
C ASP A 190 -3.33 -16.74 2.09
N LYS A 191 -4.54 -16.82 2.62
CA LYS A 191 -5.71 -16.13 2.06
C LYS A 191 -6.21 -15.01 2.99
N VAL A 192 -6.07 -15.15 4.31
CA VAL A 192 -6.58 -14.17 5.28
C VAL A 192 -5.63 -12.97 5.38
N SER A 193 -6.09 -11.82 4.91
CA SER A 193 -5.30 -10.57 4.96
C SER A 193 -5.18 -9.99 6.38
N GLY A 194 -6.26 -10.09 7.16
CA GLY A 194 -6.36 -9.37 8.43
C GLY A 194 -6.62 -7.88 8.25
N LEU A 195 -7.11 -7.50 7.08
CA LEU A 195 -7.34 -6.11 6.71
C LEU A 195 -8.81 -5.78 6.94
N GLN A 196 -9.08 -4.63 7.56
CA GLN A 196 -10.44 -4.23 7.90
C GLN A 196 -10.73 -2.83 7.36
N LEU A 197 -11.92 -2.65 6.79
CA LEU A 197 -12.42 -1.34 6.38
C LEU A 197 -13.36 -0.83 7.44
N LEU A 198 -13.44 0.49 7.58
CA LEU A 198 -14.40 1.14 8.47
C LEU A 198 -15.54 1.73 7.63
N LYS A 199 -16.48 0.87 7.24
CA LYS A 199 -17.62 1.25 6.39
C LYS A 199 -18.87 1.49 7.23
N ASP A 200 -19.38 2.72 7.20
CA ASP A 200 -20.58 3.14 7.95
C ASP A 200 -20.46 2.87 9.46
N GLY A 201 -19.32 3.24 10.02
CA GLY A 201 -19.05 3.11 11.46
C GLY A 201 -18.68 1.73 11.97
N GLN A 202 -18.57 0.73 11.08
CA GLN A 202 -18.38 -0.66 11.48
C GLN A 202 -17.26 -1.36 10.69
N TRP A 203 -16.58 -2.29 11.34
CA TRP A 203 -15.44 -2.98 10.76
C TRP A 203 -15.89 -4.12 9.85
N ILE A 204 -15.49 -4.05 8.58
CA ILE A 204 -15.70 -5.13 7.62
C ILE A 204 -14.33 -5.70 7.23
N ASP A 205 -14.18 -7.02 7.41
CA ASP A 205 -12.96 -7.73 7.01
C ASP A 205 -12.91 -7.87 5.50
N VAL A 206 -11.71 -7.75 4.94
CA VAL A 206 -11.48 -8.04 3.54
C VAL A 206 -11.54 -9.56 3.39
N PRO A 207 -12.42 -10.08 2.51
CA PRO A 207 -12.58 -11.54 2.40
C PRO A 207 -11.29 -12.25 2.02
N PRO A 208 -11.08 -13.49 2.51
CA PRO A 208 -9.86 -14.20 2.18
C PRO A 208 -9.89 -14.80 0.76
N MET A 209 -8.83 -14.56 0.01
CA MET A 209 -8.69 -15.06 -1.37
CA MET A 209 -8.69 -15.06 -1.37
C MET A 209 -7.22 -15.37 -1.64
N ARG A 210 -6.96 -16.56 -2.19
CA ARG A 210 -5.59 -16.96 -2.52
C ARG A 210 -5.16 -16.29 -3.83
N HIS A 211 -3.86 -16.00 -3.92
CA HIS A 211 -3.25 -15.37 -5.10
C HIS A 211 -3.89 -14.04 -5.49
N SER A 212 -4.33 -13.29 -4.47
CA SER A 212 -5.03 -12.02 -4.68
C SER A 212 -4.09 -10.84 -4.47
N ILE A 213 -4.48 -9.71 -5.05
CA ILE A 213 -3.84 -8.42 -4.79
C ILE A 213 -4.96 -7.48 -4.34
N VAL A 214 -4.83 -6.94 -3.13
CA VAL A 214 -5.83 -6.01 -2.61
C VAL A 214 -5.38 -4.62 -3.01
N VAL A 215 -6.30 -3.88 -3.65
CA VAL A 215 -6.05 -2.53 -4.13
C VAL A 215 -6.90 -1.56 -3.34
N ASN A 216 -6.34 -0.39 -3.02
CA ASN A 216 -7.11 0.70 -2.44
C ASN A 216 -6.59 2.06 -2.88
N LEU A 217 -7.47 3.06 -2.78
CA LEU A 217 -7.19 4.41 -3.26
C LEU A 217 -6.80 5.30 -2.10
N GLY A 218 -5.79 6.14 -2.30
CA GLY A 218 -5.31 7.06 -1.28
C GLY A 218 -5.90 8.44 -1.40
N ASP A 219 -5.43 9.34 -0.54
CA ASP A 219 -5.94 10.72 -0.47
C ASP A 219 -5.78 11.51 -1.77
N GLN A 220 -4.72 11.23 -2.53
CA GLN A 220 -4.43 11.98 -3.75
C GLN A 220 -5.49 11.76 -4.85
N LEU A 221 -5.95 10.52 -5.00
CA LEU A 221 -7.01 10.22 -5.96
C LEU A 221 -8.35 10.86 -5.59
N GLU A 222 -8.62 10.99 -4.29
CA GLU A 222 -9.79 11.73 -3.81
C GLU A 222 -9.73 13.20 -4.22
N VAL A 223 -8.54 13.80 -4.16
CA VAL A 223 -8.35 15.19 -4.58
C VAL A 223 -8.59 15.30 -6.09
N ILE A 224 -7.93 14.44 -6.86
CA ILE A 224 -8.00 14.47 -8.33
C ILE A 224 -9.42 14.24 -8.86
N THR A 225 -10.18 13.34 -8.21
CA THR A 225 -11.58 13.08 -8.57
C THR A 225 -12.58 14.04 -7.91
N ASN A 226 -12.09 15.03 -7.17
CA ASN A 226 -12.91 16.02 -6.47
C ASN A 226 -13.91 15.38 -5.50
N GLY A 227 -13.43 14.39 -4.75
CA GLY A 227 -14.22 13.71 -3.73
C GLY A 227 -15.07 12.53 -4.21
N LYS A 228 -15.03 12.22 -5.51
CA LYS A 228 -15.89 11.18 -6.07
C LYS A 228 -15.41 9.80 -5.65
N TYR A 229 -14.10 9.55 -5.82
CA TYR A 229 -13.44 8.35 -5.31
C TYR A 229 -12.74 8.66 -3.99
N LYS A 230 -13.43 8.40 -2.87
CA LYS A 230 -12.90 8.74 -1.54
C LYS A 230 -11.94 7.69 -1.00
N SER A 231 -10.88 8.13 -0.33
CA SER A 231 -9.95 7.25 0.36
C SER A 231 -10.58 6.82 1.68
N VAL A 232 -10.58 5.52 1.94
CA VAL A 232 -11.39 4.92 2.99
C VAL A 232 -10.54 4.53 4.21
N MET A 233 -11.15 4.69 5.39
CA MET A 233 -10.52 4.34 6.67
C MET A 233 -10.32 2.83 6.78
N HIS A 234 -9.15 2.44 7.27
CA HIS A 234 -8.79 1.03 7.38
C HIS A 234 -7.63 0.79 8.35
N ARG A 235 -7.39 -0.51 8.62
CA ARG A 235 -6.26 -0.95 9.42
C ARG A 235 -5.98 -2.43 9.13
N VAL A 236 -4.72 -2.83 9.21
CA VAL A 236 -4.31 -4.23 9.03
C VAL A 236 -3.86 -4.80 10.39
N ILE A 237 -4.34 -6.00 10.71
CA ILE A 237 -4.06 -6.67 12.00
C ILE A 237 -3.68 -8.13 11.72
N ALA A 238 -2.60 -8.59 12.35
CA ALA A 238 -2.10 -9.96 12.15
C ALA A 238 -3.00 -10.97 12.86
N GLN A 239 -3.56 -11.89 12.09
CA GLN A 239 -4.46 -12.92 12.63
C GLN A 239 -3.68 -14.12 13.13
N LYS A 240 -4.28 -14.84 14.09
CA LYS A 240 -3.64 -15.99 14.75
C LYS A 240 -3.24 -17.11 13.77
N ASP A 241 -4.09 -17.34 12.76
CA ASP A 241 -3.81 -18.34 11.72
C ASP A 241 -4.12 -17.76 10.32
N GLY A 242 -3.63 -16.53 10.10
CA GLY A 242 -3.77 -15.83 8.82
C GLY A 242 -2.40 -15.49 8.26
N ALA A 243 -2.33 -14.38 7.53
CA ALA A 243 -1.08 -13.95 6.89
C ALA A 243 -0.07 -13.45 7.92
N ARG A 244 1.21 -13.73 7.66
CA ARG A 244 2.33 -13.24 8.48
C ARG A 244 3.44 -12.60 7.61
N MET A 245 3.08 -12.19 6.40
CA MET A 245 3.97 -11.53 5.45
C MET A 245 3.15 -10.56 4.60
N SER A 246 3.65 -9.34 4.43
CA SER A 246 2.95 -8.29 3.68
C SER A 246 3.90 -7.51 2.80
N LEU A 247 3.64 -7.52 1.49
CA LEU A 247 4.30 -6.64 0.53
C LEU A 247 3.30 -5.57 0.10
N ALA A 248 3.50 -4.36 0.62
CA ALA A 248 2.62 -3.23 0.36
C ALA A 248 3.32 -2.25 -0.58
N SER A 249 2.90 -2.25 -1.85
CA SER A 249 3.50 -1.40 -2.87
C SER A 249 2.69 -0.13 -3.08
N PHE A 250 3.32 1.02 -2.83
CA PHE A 250 2.68 2.33 -2.96
C PHE A 250 3.08 2.99 -4.28
N TYR A 251 2.10 3.29 -5.13
CA TYR A 251 2.32 4.05 -6.35
C TYR A 251 1.76 5.45 -6.12
N ASN A 252 2.64 6.35 -5.69
CA ASN A 252 2.27 7.72 -5.34
C ASN A 252 2.76 8.70 -6.39
N PRO A 253 2.24 9.95 -6.37
CA PRO A 253 2.81 10.97 -7.23
C PRO A 253 4.26 11.33 -6.88
N GLY A 254 4.99 11.87 -7.85
CA GLY A 254 6.35 12.36 -7.63
C GLY A 254 6.35 13.56 -6.69
N SER A 255 7.48 13.79 -6.04
CA SER A 255 7.59 14.83 -5.00
C SER A 255 7.08 16.18 -5.49
N ASP A 256 7.55 16.59 -6.66
CA ASP A 256 7.20 17.90 -7.23
C ASP A 256 5.88 17.95 -8.04
N ALA A 257 5.13 16.85 -8.07
CA ALA A 257 3.90 16.76 -8.84
C ALA A 257 2.80 17.62 -8.24
N VAL A 258 2.19 18.46 -9.08
CA VAL A 258 1.14 19.37 -8.64
C VAL A 258 -0.19 18.63 -8.73
N ILE A 259 -0.78 18.32 -7.57
CA ILE A 259 -2.05 17.58 -7.51
C ILE A 259 -3.20 18.57 -7.35
N TYR A 260 -4.28 18.31 -8.08
CA TYR A 260 -5.45 19.18 -8.08
C TYR A 260 -6.64 18.47 -8.72
N PRO A 261 -7.89 18.87 -8.40
CA PRO A 261 -9.03 18.18 -9.00
C PRO A 261 -9.09 18.42 -10.51
N ALA A 262 -9.30 17.33 -11.26
CA ALA A 262 -9.40 17.42 -12.71
C ALA A 262 -10.56 18.33 -13.08
N PRO A 263 -10.29 19.41 -13.85
CA PRO A 263 -11.29 20.47 -14.08
C PRO A 263 -12.61 19.97 -14.70
N ALA A 264 -12.54 18.91 -15.49
CA ALA A 264 -13.72 18.22 -16.03
C ALA A 264 -14.70 17.75 -14.95
N LEU A 265 -14.18 17.31 -13.80
CA LEU A 265 -14.99 16.72 -12.73
C LEU A 265 -15.43 17.75 -11.68
N VAL A 266 -15.84 18.94 -12.11
CA VAL A 266 -16.19 20.05 -11.21
C VAL A 266 -17.41 20.82 -11.74
N GLU A 267 -18.58 20.61 -11.11
CA GLU A 267 -19.81 21.35 -11.43
C GLU A 267 -20.67 21.55 -10.17
N LYS A 268 -20.77 22.82 -9.71
CA LYS A 268 -21.59 23.19 -8.56
C LYS A 268 -21.22 22.47 -7.26
N GLN A 275 -17.99 21.17 -1.93
CA GLN A 275 -17.01 22.22 -2.23
C GLN A 275 -15.81 21.67 -3.01
N VAL A 276 -14.99 22.58 -3.53
CA VAL A 276 -13.88 22.23 -4.42
C VAL A 276 -12.66 21.80 -3.59
N TYR A 277 -12.05 20.68 -3.99
CA TYR A 277 -10.83 20.17 -3.33
C TYR A 277 -9.61 21.03 -3.71
N PRO A 278 -8.59 21.09 -2.83
CA PRO A 278 -7.47 22.02 -3.02
C PRO A 278 -6.44 21.62 -4.08
N LYS A 279 -5.60 22.58 -4.46
CA LYS A 279 -4.42 22.37 -5.31
C LYS A 279 -3.17 22.48 -4.45
N PHE A 280 -2.20 21.60 -4.68
CA PHE A 280 -0.94 21.60 -3.91
C PHE A 280 0.12 20.71 -4.56
N VAL A 281 1.38 20.92 -4.17
CA VAL A 281 2.47 20.04 -4.59
C VAL A 281 2.52 18.87 -3.61
N PHE A 282 2.69 17.66 -4.13
CA PHE A 282 2.60 16.43 -3.33
C PHE A 282 3.52 16.40 -2.11
N ASP A 283 4.76 16.88 -2.28
CA ASP A 283 5.74 16.92 -1.18
C ASP A 283 5.25 17.76 0.01
N ASP A 284 4.51 18.83 -0.28
CA ASP A 284 3.97 19.71 0.77
C ASP A 284 2.88 19.03 1.60
N TYR A 285 2.08 18.18 0.96
CA TYR A 285 1.08 17.36 1.65
C TYR A 285 1.76 16.37 2.58
N MET A 286 2.83 15.75 2.09
CA MET A 286 3.62 14.79 2.89
C MET A 286 4.43 15.50 3.98
N LYS A 287 4.87 16.72 3.72
CA LYS A 287 5.52 17.56 4.74
C LYS A 287 4.54 17.99 5.84
N LEU A 288 3.29 18.21 5.47
CA LEU A 288 2.22 18.47 6.45
C LEU A 288 1.94 17.21 7.28
N TYR A 289 1.82 16.06 6.60
CA TYR A 289 1.63 14.75 7.23
C TYR A 289 2.69 14.43 8.29
N ALA A 290 3.94 14.81 8.04
CA ALA A 290 5.07 14.53 8.96
C ALA A 290 5.35 15.63 9.99
N GLY A 291 4.51 16.67 10.04
CA GLY A 291 4.62 17.73 11.04
C GLY A 291 5.75 18.72 10.85
N LEU A 292 6.33 18.76 9.65
CA LEU A 292 7.44 19.67 9.34
C LEU A 292 6.97 21.09 9.00
N LYS A 293 5.73 21.22 8.53
CA LYS A 293 5.20 22.51 8.04
C LYS A 293 4.95 23.58 9.11
N PHE A 294 4.83 23.19 10.37
CA PHE A 294 4.63 24.14 11.48
C PHE A 294 5.81 24.08 12.46
N GLN A 295 7.01 24.18 11.91
CA GLN A 295 8.25 24.18 12.69
C GLN A 295 8.68 25.60 13.12
N ALA A 296 8.00 26.64 12.61
CA ALA A 296 8.24 28.02 13.01
C ALA A 296 6.95 28.65 13.55
N LYS A 297 7.09 29.78 14.26
CA LYS A 297 5.97 30.38 15.00
C LYS A 297 4.88 31.01 14.12
N GLU A 298 5.28 31.71 13.07
CA GLU A 298 4.31 32.45 12.24
C GLU A 298 3.27 31.53 11.59
N PRO A 299 3.70 30.41 10.97
CA PRO A 299 2.76 29.37 10.51
C PRO A 299 1.78 28.90 11.57
N ARG A 300 2.27 28.66 12.79
CA ARG A 300 1.40 28.22 13.90
C ARG A 300 0.35 29.27 14.24
N PHE A 301 0.72 30.55 14.19
CA PHE A 301 -0.23 31.65 14.41
C PHE A 301 -1.28 31.74 13.31
N GLU A 302 -0.91 31.39 12.07
CA GLU A 302 -1.89 31.30 10.98
C GLU A 302 -2.91 30.20 11.32
N ALA A 303 -2.40 29.01 11.66
CA ALA A 303 -3.23 27.84 11.93
C ALA A 303 -4.19 28.05 13.10
N MET A 304 -3.71 28.68 14.18
CA MET A 304 -4.55 28.95 15.35
C MET A 304 -5.61 30.03 15.09
N LYS A 305 -5.34 30.95 14.18
CA LYS A 305 -6.33 31.95 13.74
C LYS A 305 -7.46 31.30 12.92
N ALA A 306 -7.10 30.32 12.10
CA ALA A 306 -8.08 29.58 11.29
C ALA A 306 -9.06 28.77 12.14
N MET A 307 -8.55 28.16 13.22
CA MET A 307 -9.38 27.39 14.14
C MET A 307 -10.30 28.28 14.99
N GLU A 308 -10.06 29.58 15.00
#